data_5XHB
#
_entry.id   5XHB
#
_cell.length_a   45.984
_cell.length_b   76.866
_cell.length_c   76.667
_cell.angle_alpha   90.00
_cell.angle_beta   90.00
_cell.angle_gamma   90.00
#
_symmetry.space_group_name_H-M   'P 21 21 21'
#
loop_
_entity.id
_entity.type
_entity.pdbx_description
1 polymer 'Nisin immunity protein'
2 non-polymer 'SULFATE ION'
3 water water
#
_entity_poly.entity_id   1
_entity_poly.type   'polypeptide(L)'
_entity_poly.pdbx_seq_one_letter_code
;GH(MSE)QTSHKKVRFDEGSYTNFIYDNKSYFVTDKEIPQENVNNSKVKFYKLLIVD(MSE)KSEKLLSSSNKNSVTLVL
NNIYEASDKSLC(MSE)GINDRYYKILPESDKGAVKALRLQNFDVTSDISDDNFVIDKNDSRKIDY(MSE)GNIYSISDT
TVSDEELGEYQDVLAEVRVFDSVSGKSIPRSEWGRIDKDGSNSKQSRTEWDYGEIHSIRGKSLTEAFAVEINDDFKLATK
VGNLE
;
_entity_poly.pdbx_strand_id   A
#
# COMPACT_ATOMS: atom_id res chain seq x y z
N VAL A 10 -22.98 -6.64 4.42
CA VAL A 10 -21.62 -6.11 4.49
C VAL A 10 -20.89 -6.60 5.74
N ARG A 11 -19.87 -7.42 5.55
CA ARG A 11 -19.09 -7.96 6.66
C ARG A 11 -17.61 -7.70 6.50
N PHE A 12 -17.03 -6.90 7.39
CA PHE A 12 -15.60 -6.68 7.35
C PHE A 12 -14.87 -7.89 7.89
N ASP A 13 -13.72 -8.21 7.29
CA ASP A 13 -12.83 -9.25 7.79
C ASP A 13 -12.40 -8.93 9.21
N GLU A 14 -12.23 -9.98 10.03
CA GLU A 14 -11.81 -9.77 11.42
C GLU A 14 -10.50 -9.02 11.47
N GLY A 15 -10.43 -7.98 12.29
CA GLY A 15 -9.22 -7.21 12.44
C GLY A 15 -8.90 -6.21 11.32
N SER A 16 -9.77 -6.11 10.31
CA SER A 16 -9.52 -5.21 9.19
C SER A 16 -10.42 -3.98 9.21
N TYR A 17 -9.89 -2.82 8.80
CA TYR A 17 -10.78 -1.69 8.54
C TYR A 17 -10.92 -1.41 7.04
N THR A 18 -10.38 -2.27 6.18
CA THR A 18 -10.50 -2.03 4.73
C THR A 18 -11.09 -3.20 3.94
N ASN A 19 -10.90 -4.41 4.42
CA ASN A 19 -11.28 -5.58 3.63
C ASN A 19 -12.62 -6.17 4.05
N PHE A 20 -13.53 -6.37 3.10
CA PHE A 20 -14.85 -6.83 3.46
C PHE A 20 -15.51 -7.65 2.37
N ILE A 21 -16.62 -8.27 2.73
CA ILE A 21 -17.41 -9.02 1.78
C ILE A 21 -18.79 -8.41 1.68
N TYR A 22 -19.29 -8.24 0.47
CA TYR A 22 -20.62 -7.71 0.27
C TYR A 22 -21.28 -8.46 -0.88
N ASP A 23 -22.48 -9.00 -0.62
CA ASP A 23 -23.22 -9.75 -1.63
C ASP A 23 -22.36 -10.86 -2.20
N ASN A 24 -21.68 -11.57 -1.31
CA ASN A 24 -20.78 -12.68 -1.65
C ASN A 24 -19.56 -12.36 -2.53
N LYS A 25 -19.16 -11.10 -2.59
CA LYS A 25 -17.97 -10.73 -3.35
C LYS A 25 -16.99 -9.97 -2.46
N SER A 26 -15.70 -10.14 -2.68
CA SER A 26 -14.70 -9.50 -1.83
C SER A 26 -14.24 -8.15 -2.38
N TYR A 27 -14.25 -7.14 -1.51
CA TYR A 27 -13.89 -5.77 -1.86
C TYR A 27 -12.91 -5.19 -0.87
N PHE A 28 -12.25 -4.09 -1.23
CA PHE A 28 -11.59 -3.30 -0.20
C PHE A 28 -11.92 -1.80 -0.34
N VAL A 29 -11.86 -1.09 0.78
CA VAL A 29 -11.98 0.37 0.73
C VAL A 29 -10.65 0.96 0.28
N THR A 30 -10.70 1.75 -0.80
CA THR A 30 -9.51 2.38 -1.34
C THR A 30 -9.26 3.74 -0.71
N ASP A 31 -8.12 4.34 -1.08
CA ASP A 31 -7.78 5.69 -0.64
C ASP A 31 -8.25 6.74 -1.67
N LYS A 32 -9.06 6.31 -2.63
CA LYS A 32 -9.62 7.22 -3.65
C LYS A 32 -10.87 7.93 -3.12
N GLU A 33 -10.75 9.19 -2.76
CA GLU A 33 -11.91 9.90 -2.21
C GLU A 33 -12.85 10.34 -3.33
N ILE A 34 -14.15 10.19 -3.08
CA ILE A 34 -15.18 10.65 -4.00
C ILE A 34 -15.86 11.91 -3.46
N PRO A 35 -15.85 13.01 -4.23
CA PRO A 35 -16.53 14.21 -3.74
C PRO A 35 -18.01 13.98 -3.56
N GLN A 36 -18.61 14.63 -2.57
CA GLN A 36 -20.01 14.41 -2.23
C GLN A 36 -20.92 14.67 -3.43
N GLU A 37 -20.53 15.61 -4.28
CA GLU A 37 -21.34 15.97 -5.44
C GLU A 37 -21.41 14.85 -6.48
N ASN A 38 -20.48 13.90 -6.40
CA ASN A 38 -20.44 12.77 -7.33
C ASN A 38 -21.07 11.51 -6.76
N VAL A 39 -21.62 11.61 -5.56
CA VAL A 39 -22.21 10.44 -4.93
C VAL A 39 -23.72 10.44 -5.15
N ASN A 40 -24.24 9.32 -5.62
CA ASN A 40 -25.67 9.24 -5.90
C ASN A 40 -26.41 8.31 -4.93
N ASN A 41 -27.25 7.43 -5.45
CA ASN A 41 -28.10 6.62 -4.60
C ASN A 41 -27.35 5.62 -3.72
N SER A 42 -27.77 5.47 -2.47
CA SER A 42 -27.27 4.37 -1.66
C SER A 42 -27.72 3.06 -2.28
N LYS A 43 -26.91 2.01 -2.12
CA LYS A 43 -27.22 0.68 -2.63
C LYS A 43 -27.38 -0.27 -1.47
N VAL A 44 -26.68 0.02 -0.38
CA VAL A 44 -26.73 -0.80 0.84
C VAL A 44 -26.66 0.10 2.06
N LYS A 45 -27.58 -0.11 3.00
CA LYS A 45 -27.51 0.60 4.26
C LYS A 45 -26.87 -0.27 5.34
N PHE A 46 -25.85 0.28 6.01
CA PHE A 46 -25.22 -0.36 7.15
C PHE A 46 -24.47 0.70 7.94
N TYR A 47 -24.14 0.38 9.19
CA TYR A 47 -23.42 1.29 10.06
C TYR A 47 -22.45 0.47 10.91
N LYS A 48 -21.16 0.79 10.83
CA LYS A 48 -20.16 0.08 11.60
C LYS A 48 -19.14 1.05 12.18
N LEU A 49 -18.88 0.93 13.49
CA LEU A 49 -17.88 1.77 14.10
C LEU A 49 -16.64 0.95 14.41
N LEU A 50 -15.49 1.44 13.97
CA LEU A 50 -14.22 0.79 14.27
C LEU A 50 -13.31 1.76 14.96
N ILE A 51 -12.52 1.25 15.90
CA ILE A 51 -11.51 2.04 16.60
C ILE A 51 -10.14 1.48 16.25
N VAL A 52 -9.29 2.30 15.66
CA VAL A 52 -8.03 1.79 15.12
C VAL A 52 -6.81 2.48 15.69
N ASP A 53 -5.91 1.69 16.26
CA ASP A 53 -4.63 2.20 16.74
C ASP A 53 -3.78 2.66 15.57
N LYS A 55 -0.76 3.53 15.24
CA LYS A 55 0.61 3.02 15.16
C LYS A 55 0.66 1.57 14.71
N SER A 56 -0.15 0.73 15.34
CA SER A 56 -0.15 -0.69 15.02
C SER A 56 -1.21 -1.05 13.98
N GLU A 57 -2.09 -0.09 13.67
CA GLU A 57 -3.20 -0.29 12.75
C GLU A 57 -4.06 -1.48 13.17
N LYS A 58 -4.03 -1.78 14.46
CA LYS A 58 -4.83 -2.85 15.02
C LYS A 58 -6.15 -2.29 15.54
N LEU A 59 -7.20 -3.10 15.50
CA LEU A 59 -8.49 -2.70 16.02
C LEU A 59 -8.43 -2.64 17.54
N LEU A 60 -9.12 -1.66 18.12
CA LEU A 60 -9.20 -1.50 19.58
C LEU A 60 -10.64 -1.59 20.04
N SER A 61 -10.84 -1.90 21.31
CA SER A 61 -12.18 -1.96 21.88
C SER A 61 -12.58 -0.62 22.49
N SER A 62 -11.60 0.25 22.69
CA SER A 62 -11.83 1.61 23.17
C SER A 62 -10.70 2.51 22.69
N SER A 63 -10.94 3.81 22.65
CA SER A 63 -9.96 4.73 22.08
C SER A 63 -8.73 4.89 22.97
N ASN A 64 -7.59 5.19 22.35
CA ASN A 64 -6.39 5.52 23.10
C ASN A 64 -5.73 6.78 22.55
N LYS A 65 -4.50 7.05 22.98
CA LYS A 65 -3.82 8.29 22.61
C LYS A 65 -3.41 8.32 21.15
N ASN A 66 -3.22 7.16 20.55
CA ASN A 66 -2.87 7.09 19.13
C ASN A 66 -3.95 6.38 18.31
N SER A 67 -5.20 6.56 18.68
CA SER A 67 -6.28 5.87 17.96
C SER A 67 -7.10 6.83 17.11
N VAL A 68 -7.74 6.27 16.08
CA VAL A 68 -8.69 7.02 15.28
C VAL A 68 -9.98 6.22 15.22
N THR A 69 -11.11 6.92 15.32
CA THR A 69 -12.42 6.28 15.27
C THR A 69 -13.02 6.43 13.87
N LEU A 70 -13.41 5.31 13.29
CA LEU A 70 -13.99 5.33 11.95
C LEU A 70 -15.45 4.92 12.00
N VAL A 71 -16.30 5.76 11.42
CA VAL A 71 -17.68 5.35 11.22
C VAL A 71 -17.88 4.99 9.74
N LEU A 72 -18.12 3.69 9.49
CA LEU A 72 -18.37 3.17 8.15
C LEU A 72 -19.86 3.13 7.92
N ASN A 73 -20.33 3.82 6.88
CA ASN A 73 -21.76 4.07 6.77
C ASN A 73 -22.26 4.07 5.33
N ASN A 74 -22.89 2.95 4.95
CA ASN A 74 -23.56 2.77 3.67
C ASN A 74 -22.62 2.64 2.49
N ILE A 75 -23.11 1.92 1.46
CA ILE A 75 -22.45 1.86 0.17
C ILE A 75 -23.33 2.61 -0.82
N TYR A 76 -22.69 3.48 -1.61
CA TYR A 76 -23.38 4.31 -2.61
C TYR A 76 -22.88 4.02 -4.02
N GLU A 77 -23.72 4.30 -5.01
CA GLU A 77 -23.23 4.32 -6.37
C GLU A 77 -22.80 5.74 -6.72
N ALA A 78 -21.61 5.89 -7.30
CA ALA A 78 -21.12 7.20 -7.71
C ALA A 78 -21.56 7.53 -9.15
N SER A 79 -21.29 8.74 -9.60
CA SER A 79 -21.80 9.18 -10.90
C SER A 79 -21.13 8.44 -12.08
N ASP A 80 -20.00 7.78 -11.83
CA ASP A 80 -19.33 7.01 -12.87
C ASP A 80 -19.68 5.51 -12.76
N LYS A 81 -20.69 5.22 -11.95
CA LYS A 81 -21.19 3.87 -11.71
C LYS A 81 -20.24 3.00 -10.87
N SER A 82 -19.17 3.58 -10.34
CA SER A 82 -18.37 2.85 -9.37
C SER A 82 -19.09 2.87 -8.03
N LEU A 83 -18.67 2.03 -7.09
CA LEU A 83 -19.29 2.05 -5.75
C LEU A 83 -18.37 2.76 -4.75
N CYS A 84 -18.96 3.35 -3.73
CA CYS A 84 -18.15 3.95 -2.68
C CYS A 84 -18.80 3.78 -1.32
N GLY A 86 -19.33 5.38 2.73
CA GLY A 86 -19.22 6.51 3.63
C GLY A 86 -18.22 6.19 4.73
N ILE A 87 -17.19 7.02 4.85
CA ILE A 87 -16.21 6.88 5.91
C ILE A 87 -16.11 8.22 6.64
N ASN A 88 -16.58 8.23 7.88
CA ASN A 88 -16.68 9.49 8.64
C ASN A 88 -17.42 10.50 7.79
N ASP A 89 -16.79 11.65 7.51
CA ASP A 89 -17.47 12.70 6.76
C ASP A 89 -17.15 12.68 5.26
N ARG A 90 -16.55 11.59 4.78
CA ARG A 90 -16.16 11.51 3.37
C ARG A 90 -16.72 10.26 2.71
N TYR A 91 -16.39 10.09 1.44
CA TYR A 91 -16.75 8.92 0.66
C TYR A 91 -15.51 8.38 -0.03
N TYR A 92 -15.32 7.06 0.02
CA TYR A 92 -14.14 6.47 -0.61
C TYR A 92 -14.56 5.33 -1.51
N LYS A 93 -13.98 5.29 -2.70
CA LYS A 93 -14.28 4.25 -3.67
C LYS A 93 -13.95 2.88 -3.09
N ILE A 94 -14.76 1.88 -3.41
CA ILE A 94 -14.43 0.51 -3.07
C ILE A 94 -14.13 -0.22 -4.38
N LEU A 95 -13.25 -1.21 -4.32
CA LEU A 95 -12.85 -1.97 -5.50
C LEU A 95 -12.80 -3.45 -5.14
N PRO A 96 -12.96 -4.33 -6.15
CA PRO A 96 -12.76 -5.76 -5.91
C PRO A 96 -11.33 -6.02 -5.44
N GLU A 97 -11.13 -7.09 -4.67
CA GLU A 97 -9.81 -7.44 -4.17
C GLU A 97 -8.83 -7.80 -5.28
N SER A 98 -9.37 -8.12 -6.46
CA SER A 98 -8.50 -8.35 -7.62
C SER A 98 -7.66 -7.11 -7.95
N ASP A 99 -8.07 -5.95 -7.45
CA ASP A 99 -7.37 -4.70 -7.67
C ASP A 99 -6.39 -4.30 -6.53
N LYS A 100 -6.21 -5.16 -5.53
CA LYS A 100 -5.34 -4.81 -4.41
C LYS A 100 -3.94 -4.57 -4.93
N GLY A 101 -3.26 -3.59 -4.35
CA GLY A 101 -1.92 -3.22 -4.79
C GLY A 101 -1.89 -2.25 -5.97
N ALA A 102 -2.85 -2.37 -6.89
CA ALA A 102 -2.93 -1.45 -8.03
C ALA A 102 -3.36 -0.07 -7.56
N VAL A 103 -4.28 -0.09 -6.60
CA VAL A 103 -4.82 1.11 -5.96
C VAL A 103 -4.65 0.93 -4.45
N LYS A 104 -4.10 1.95 -3.79
CA LYS A 104 -3.81 1.85 -2.35
C LYS A 104 -5.09 1.74 -1.54
N ALA A 105 -5.03 1.00 -0.43
CA ALA A 105 -6.15 0.90 0.47
C ALA A 105 -6.27 2.20 1.26
N LEU A 106 -7.43 2.40 1.85
CA LEU A 106 -7.74 3.56 2.68
C LEU A 106 -6.62 3.85 3.68
N ARG A 107 -6.18 5.09 3.74
CA ARG A 107 -5.16 5.50 4.70
C ARG A 107 -5.77 6.08 5.98
N LEU A 108 -5.37 5.52 7.11
CA LEU A 108 -5.83 5.96 8.43
C LEU A 108 -5.49 7.44 8.67
N GLN A 109 -4.36 7.87 8.13
CA GLN A 109 -3.86 9.23 8.32
C GLN A 109 -4.81 10.29 7.79
N ASN A 110 -5.69 9.91 6.87
CA ASN A 110 -6.71 10.82 6.36
C ASN A 110 -7.58 11.43 7.48
N PHE A 111 -7.75 10.68 8.56
CA PHE A 111 -8.69 11.07 9.61
C PHE A 111 -7.95 11.48 10.89
N ASP A 119 5.01 9.31 4.52
CA ASP A 119 5.33 7.90 4.71
C ASP A 119 4.97 7.09 3.47
N ASP A 120 4.05 7.65 2.69
CA ASP A 120 3.42 6.92 1.58
C ASP A 120 4.23 7.06 0.29
N ASN A 121 5.54 6.88 0.40
CA ASN A 121 6.43 6.93 -0.76
C ASN A 121 7.55 5.93 -0.58
N PHE A 122 8.26 5.65 -1.66
CA PHE A 122 9.34 4.66 -1.64
C PHE A 122 10.68 5.36 -1.53
N VAL A 123 11.49 4.97 -0.55
CA VAL A 123 12.78 5.59 -0.31
C VAL A 123 13.79 4.49 -0.05
N ILE A 124 14.94 4.56 -0.71
CA ILE A 124 15.99 3.59 -0.44
C ILE A 124 16.46 3.81 0.98
N ASP A 125 16.57 2.73 1.76
CA ASP A 125 16.91 2.84 3.17
C ASP A 125 18.30 3.46 3.34
N LYS A 126 18.41 4.43 4.24
CA LYS A 126 19.67 5.16 4.41
C LYS A 126 20.77 4.28 4.98
N ASN A 127 20.39 3.26 5.75
CA ASN A 127 21.38 2.46 6.45
C ASN A 127 21.79 1.19 5.71
N ASP A 128 20.86 0.63 4.93
CA ASP A 128 21.13 -0.59 4.16
C ASP A 128 20.55 -0.41 2.77
N SER A 129 21.43 -0.31 1.77
CA SER A 129 20.98 -0.04 0.40
C SER A 129 20.17 -1.19 -0.21
N ARG A 130 20.17 -2.35 0.43
CA ARG A 130 19.44 -3.49 -0.10
C ARG A 130 18.02 -3.48 0.44
N LYS A 131 17.64 -2.39 1.09
CA LYS A 131 16.32 -2.27 1.68
C LYS A 131 15.61 -1.00 1.23
N ILE A 132 14.28 -1.06 1.21
CA ILE A 132 13.46 0.08 0.85
C ILE A 132 12.47 0.38 1.95
N ASP A 133 12.33 1.66 2.27
CA ASP A 133 11.35 2.11 3.27
C ASP A 133 10.05 2.51 2.59
N TYR A 134 8.93 2.02 3.12
CA TYR A 134 7.63 2.36 2.57
C TYR A 134 6.53 2.21 3.63
N GLY A 136 6.14 3.26 6.60
CA GLY A 136 6.59 3.00 7.96
C GLY A 136 7.15 1.61 8.14
N ASN A 137 7.25 0.87 7.04
CA ASN A 137 7.82 -0.46 7.06
C ASN A 137 9.13 -0.52 6.28
N ILE A 138 9.90 -1.57 6.49
CA ILE A 138 11.16 -1.78 5.79
C ILE A 138 11.04 -3.03 4.96
N TYR A 139 11.53 -2.97 3.73
CA TYR A 139 11.38 -4.05 2.77
C TYR A 139 12.73 -4.51 2.30
N SER A 140 12.94 -5.81 2.27
CA SER A 140 14.19 -6.36 1.78
C SER A 140 14.08 -6.72 0.30
N ILE A 141 15.00 -6.19 -0.51
CA ILE A 141 15.08 -6.49 -1.94
C ILE A 141 15.82 -7.79 -2.14
N SER A 142 15.10 -8.81 -2.59
CA SER A 142 15.65 -10.14 -2.71
C SER A 142 16.38 -10.35 -4.04
N ASP A 143 16.92 -11.55 -4.24
CA ASP A 143 17.46 -11.92 -5.54
C ASP A 143 16.46 -12.80 -6.30
N THR A 144 15.17 -12.63 -6.00
CA THR A 144 14.10 -13.34 -6.71
C THR A 144 13.50 -12.44 -7.77
N THR A 145 13.45 -12.94 -9.00
CA THR A 145 12.91 -12.19 -10.14
C THR A 145 11.39 -12.14 -10.07
N VAL A 146 10.84 -11.00 -10.46
CA VAL A 146 9.40 -10.85 -10.64
C VAL A 146 9.11 -10.93 -12.13
N SER A 147 8.39 -11.96 -12.57
CA SER A 147 8.15 -12.17 -14.00
C SER A 147 7.22 -11.12 -14.58
N ASP A 148 7.19 -10.98 -15.90
CA ASP A 148 6.34 -9.96 -16.51
C ASP A 148 4.86 -10.20 -16.21
N GLU A 149 4.48 -11.45 -16.02
CA GLU A 149 3.07 -11.76 -15.73
C GLU A 149 2.70 -11.45 -14.28
N GLU A 150 3.70 -11.39 -13.39
CA GLU A 150 3.47 -11.03 -12.00
C GLU A 150 3.55 -9.52 -11.79
N LEU A 151 4.23 -8.83 -12.70
CA LEU A 151 4.44 -7.39 -12.62
C LEU A 151 3.13 -6.64 -12.85
N GLY A 152 2.77 -5.78 -11.91
CA GLY A 152 1.56 -5.02 -12.04
C GLY A 152 1.77 -3.52 -12.22
N GLU A 153 0.93 -2.74 -11.55
CA GLU A 153 0.82 -1.30 -11.76
C GLU A 153 2.11 -0.52 -11.46
N TYR A 154 2.50 0.33 -12.41
CA TYR A 154 3.59 1.29 -12.19
C TYR A 154 3.31 2.21 -10.99
N GLN A 155 4.24 2.30 -10.06
CA GLN A 155 4.03 3.16 -8.90
C GLN A 155 4.94 4.39 -8.89
N ASP A 156 6.21 4.21 -9.23
CA ASP A 156 7.16 5.32 -9.18
C ASP A 156 8.43 4.90 -9.88
N VAL A 157 9.35 5.85 -10.06
CA VAL A 157 10.66 5.48 -10.52
C VAL A 157 11.67 6.10 -9.55
N LEU A 158 12.65 5.31 -9.16
CA LEU A 158 13.70 5.78 -8.26
C LEU A 158 14.76 6.51 -9.08
N ALA A 159 15.29 5.84 -10.10
CA ALA A 159 16.40 6.36 -10.91
C ALA A 159 17.54 6.84 -10.01
N GLU A 160 18.02 5.92 -9.19
CA GLU A 160 19.04 6.20 -8.19
C GLU A 160 20.14 5.21 -8.36
N VAL A 161 21.28 5.53 -7.75
CA VAL A 161 22.43 4.66 -7.73
C VAL A 161 22.89 4.52 -6.29
N ARG A 162 23.27 3.31 -5.91
CA ARG A 162 23.99 3.11 -4.65
C ARG A 162 25.18 2.22 -4.94
N VAL A 163 26.32 2.60 -4.41
CA VAL A 163 27.50 1.76 -4.38
C VAL A 163 27.70 1.43 -2.91
N PHE A 164 27.74 0.16 -2.56
CA PHE A 164 27.69 -0.19 -1.15
C PHE A 164 28.58 -1.37 -0.85
N ASP A 165 28.95 -1.49 0.41
CA ASP A 165 29.70 -2.66 0.87
C ASP A 165 28.89 -3.90 0.58
N SER A 166 29.48 -4.86 -0.13
CA SER A 166 28.74 -6.04 -0.56
C SER A 166 28.18 -6.87 0.59
N VAL A 167 28.86 -6.85 1.73
CA VAL A 167 28.43 -7.65 2.87
C VAL A 167 27.48 -6.90 3.80
N SER A 168 27.80 -5.66 4.14
CA SER A 168 27.02 -4.91 5.13
C SER A 168 25.87 -4.07 4.57
N GLY A 169 25.94 -3.76 3.27
CA GLY A 169 24.92 -2.92 2.65
C GLY A 169 25.08 -1.42 2.86
N LYS A 170 26.14 -1.00 3.55
CA LYS A 170 26.33 0.41 3.84
C LYS A 170 26.83 1.14 2.61
N SER A 171 26.19 2.25 2.26
CA SER A 171 26.51 2.94 1.03
C SER A 171 27.80 3.71 1.16
N ILE A 172 28.41 3.94 0.01
CA ILE A 172 29.65 4.67 -0.10
C ILE A 172 29.36 5.96 -0.87
N PRO A 173 29.80 7.11 -0.33
CA PRO A 173 29.47 8.39 -0.98
C PRO A 173 30.16 8.53 -2.33
N ARG A 174 29.53 9.25 -3.25
CA ARG A 174 30.02 9.37 -4.61
C ARG A 174 31.46 9.87 -4.67
N SER A 175 31.82 10.72 -3.70
CA SER A 175 33.16 11.30 -3.67
C SER A 175 34.26 10.25 -3.45
N GLU A 176 33.88 9.04 -3.05
CA GLU A 176 34.87 7.98 -2.81
C GLU A 176 34.77 6.83 -3.81
N TRP A 177 33.99 6.99 -4.87
CA TRP A 177 33.84 5.90 -5.84
C TRP A 177 35.11 5.73 -6.64
N GLN A 189 37.74 -4.34 1.18
CA GLN A 189 36.29 -4.10 1.02
C GLN A 189 35.80 -4.45 -0.38
N SER A 190 34.79 -5.30 -0.45
CA SER A 190 34.11 -5.58 -1.70
C SER A 190 32.96 -4.60 -1.87
N ARG A 191 32.75 -4.11 -3.08
CA ARG A 191 31.68 -3.14 -3.34
C ARG A 191 30.70 -3.65 -4.42
N THR A 192 29.45 -3.24 -4.29
CA THR A 192 28.42 -3.62 -5.24
C THR A 192 27.68 -2.37 -5.68
N GLU A 193 27.46 -2.21 -6.99
CA GLU A 193 26.63 -1.11 -7.47
C GLU A 193 25.24 -1.60 -7.89
N TRP A 194 24.22 -0.97 -7.33
CA TRP A 194 22.85 -1.21 -7.78
C TRP A 194 22.30 0.05 -8.42
N ASP A 195 21.69 -0.12 -9.58
CA ASP A 195 21.04 1.00 -10.24
C ASP A 195 19.54 0.73 -10.14
N TYR A 196 18.82 1.63 -9.48
CA TYR A 196 17.43 1.38 -9.11
C TYR A 196 16.48 2.06 -10.08
N GLY A 197 15.60 1.28 -10.68
CA GLY A 197 14.69 1.82 -11.69
C GLY A 197 13.27 2.01 -11.17
N GLU A 198 12.31 1.41 -11.87
CA GLU A 198 10.90 1.60 -11.54
C GLU A 198 10.48 0.74 -10.35
N ILE A 199 9.40 1.15 -9.70
CA ILE A 199 8.72 0.31 -8.71
C ILE A 199 7.33 -0.01 -9.24
N HIS A 200 6.97 -1.28 -9.19
CA HIS A 200 5.64 -1.73 -9.60
C HIS A 200 5.01 -2.53 -8.50
N SER A 201 3.68 -2.47 -8.44
CA SER A 201 2.91 -3.44 -7.67
C SER A 201 3.13 -4.84 -8.21
N ILE A 202 2.84 -5.85 -7.39
CA ILE A 202 2.82 -7.22 -7.86
C ILE A 202 1.35 -7.66 -7.87
N ARG A 203 0.89 -8.22 -8.99
CA ARG A 203 -0.53 -8.55 -9.14
C ARG A 203 -0.97 -9.51 -8.04
N GLY A 204 -2.10 -9.21 -7.41
CA GLY A 204 -2.58 -10.06 -6.34
C GLY A 204 -2.02 -9.79 -4.96
N LYS A 205 -1.18 -8.77 -4.84
CA LYS A 205 -0.61 -8.42 -3.54
C LYS A 205 -0.73 -6.93 -3.27
N SER A 206 -1.11 -6.57 -2.04
CA SER A 206 -1.05 -5.16 -1.65
C SER A 206 0.41 -4.69 -1.60
N LEU A 207 0.64 -3.39 -1.78
CA LEU A 207 2.01 -2.85 -1.73
C LEU A 207 2.62 -3.05 -0.35
N THR A 208 1.78 -3.02 0.67
CA THR A 208 2.22 -3.29 2.04
C THR A 208 2.82 -4.68 2.16
N GLU A 209 2.31 -5.63 1.38
CA GLU A 209 2.80 -7.01 1.41
C GLU A 209 4.13 -7.16 0.67
N ALA A 210 4.14 -6.69 -0.57
CA ALA A 210 5.30 -6.85 -1.44
C ALA A 210 5.19 -5.92 -2.62
N PHE A 211 6.34 -5.61 -3.23
CA PHE A 211 6.32 -4.90 -4.50
C PHE A 211 7.57 -5.28 -5.29
N ALA A 212 7.64 -4.80 -6.53
CA ALA A 212 8.76 -5.14 -7.40
C ALA A 212 9.67 -3.92 -7.60
N VAL A 213 10.97 -4.13 -7.48
CA VAL A 213 11.93 -3.04 -7.70
C VAL A 213 12.88 -3.41 -8.81
N GLU A 214 13.00 -2.52 -9.80
CA GLU A 214 13.95 -2.70 -10.88
C GLU A 214 15.37 -2.46 -10.35
N ILE A 215 16.18 -3.52 -10.35
CA ILE A 215 17.59 -3.43 -9.94
C ILE A 215 18.42 -3.81 -11.14
N ASN A 216 19.24 -2.90 -11.62
CA ASN A 216 20.00 -3.12 -12.86
C ASN A 216 19.04 -3.54 -13.97
N ASP A 217 19.17 -4.75 -14.50
CA ASP A 217 18.34 -5.11 -15.64
C ASP A 217 17.20 -6.08 -15.34
N ASP A 218 16.77 -6.21 -14.09
CA ASP A 218 15.50 -6.92 -13.91
C ASP A 218 14.79 -6.60 -12.61
N PHE A 219 13.51 -6.95 -12.60
CA PHE A 219 12.66 -6.64 -11.47
C PHE A 219 12.86 -7.68 -10.39
N LYS A 220 13.14 -7.20 -9.17
CA LYS A 220 13.34 -8.08 -8.01
C LYS A 220 12.20 -7.94 -7.01
N LEU A 221 11.90 -9.03 -6.30
CA LEU A 221 10.85 -9.04 -5.29
C LEU A 221 11.31 -8.42 -3.99
N ALA A 222 10.55 -7.45 -3.50
CA ALA A 222 10.79 -6.80 -2.22
C ALA A 222 9.69 -7.20 -1.24
N THR A 223 10.08 -7.71 -0.07
CA THR A 223 9.07 -8.13 0.91
C THR A 223 9.34 -7.55 2.30
N LYS A 224 8.28 -7.42 3.10
CA LYS A 224 8.37 -6.74 4.38
C LYS A 224 9.25 -7.54 5.35
N VAL A 225 10.22 -6.88 5.96
CA VAL A 225 11.11 -7.54 6.91
C VAL A 225 10.66 -7.30 8.35
#